data_3M5P
#
_entry.id   3M5P
#
_cell.length_a   114.272
_cell.length_b   114.272
_cell.length_c   83.723
_cell.angle_alpha   90.000
_cell.angle_beta   90.000
_cell.angle_gamma   120.000
#
_symmetry.space_group_name_H-M   'P 32 2 1'
#
loop_
_entity.id
_entity.type
_entity.pdbx_description
1 polymer 'Glucose-6-phosphate isomerase'
2 non-polymer 6-O-phosphono-beta-D-fructofuranose
3 non-polymer GLYCEROL
4 non-polymer 'SODIUM ION'
5 non-polymer 'PHOSPHATE ION'
6 water water
#
_entity_poly.entity_id   1
_entity_poly.type   'polypeptide(L)'
_entity_poly.pdbx_seq_one_letter_code
;SNA(MSE)LFCDDSKKYLKEQNINLKNEFDKDDKRVEKFSLKHQNIYFDYSKNLINDYILKSLLESAEKSSLKDKIKQ
(MSE)FNGAKINSTEHRAVLHTALRDLSSTPLIVDGQDIRQEVTKEKQRVKELVEKVVSGRWRGFSGKKITDIVNIGIGG
SDLGPK(MSE)VVRALQPYHCTDLKVHFVSNVDADSLLQALHVVDPETTLLIIASKSFSTEETLLNSISAREWLLDHYED
EKAVANHFVAISSKLDKVKEFGIDLEHCYK(MSE)WDWVGGRYSLWSSIG(MSE)SIAFAIGYDNFEKLLAGAYSVDKHF
KETEFSKNIPVI(MSE)ALLASYYSCTYNSQSQALLPYDERLCYFVDYLQQAD(MSE)ESNGKSVNIAGETVNYQTGVVL
WGGVGTNGQHAFHQLLHQGNIFIPVDFIAIATSHHNYDNHQQALLANCFAQSQAL(MSE)FGQSYD(MSE)VYNELLKSG
LNETQAKELAAHKVIPGNRPSTTILLDELSPYSLGALIALYEHKIFVQGVLWDINSYDQWGVELGKKLGKNILKA(MSE)
NDDSSDEYQNLDDSTRQLIAKVKNK
;
_entity_poly.pdbx_strand_id   A
#
loop_
_chem_comp.id
_chem_comp.type
_chem_comp.name
_chem_comp.formula
F6P D-saccharide, beta linking 6-O-phosphono-beta-D-fructofuranose 'C6 H13 O9 P'
GOL non-polymer GLYCEROL 'C3 H8 O3'
NA non-polymer 'SODIUM ION' 'Na 1'
PO4 non-polymer 'PHOSPHATE ION' 'O4 P -3'
#
# COMPACT_ATOMS: atom_id res chain seq x y z
N ASN A 2 15.45 2.11 -25.92
CA ASN A 2 15.23 3.41 -26.65
CA ASN A 2 15.19 3.37 -26.68
C ASN A 2 13.97 4.13 -26.11
N ALA A 3 13.62 3.84 -24.86
CA ALA A 3 12.47 4.46 -24.18
C ALA A 3 12.79 5.91 -23.81
N MSE A 4 11.80 6.79 -23.90
CA MSE A 4 11.98 8.21 -23.50
C MSE A 4 12.61 8.30 -22.11
O MSE A 4 12.23 7.56 -21.21
CB MSE A 4 10.63 8.92 -23.51
CG MSE A 4 10.71 10.44 -23.20
SE MSE A 4 8.98 11.10 -22.59
CE MSE A 4 9.08 10.54 -20.69
N LEU A 5 13.58 9.21 -21.96
CA LEU A 5 14.18 9.48 -20.66
C LEU A 5 13.35 10.49 -19.88
N PHE A 6 12.80 10.09 -18.74
CA PHE A 6 12.00 11.03 -17.94
C PHE A 6 12.88 12.04 -17.21
N CYS A 7 13.86 11.53 -16.47
CA CYS A 7 14.73 12.39 -15.66
C CYS A 7 15.89 12.88 -16.53
N ASP A 8 15.59 13.95 -17.25
CA ASP A 8 16.54 14.52 -18.18
C ASP A 8 16.92 15.95 -17.75
N ASP A 9 17.79 16.59 -18.52
CA ASP A 9 18.22 17.97 -18.15
C ASP A 9 17.06 18.96 -18.11
N SER A 10 16.09 18.80 -19.00
CA SER A 10 14.90 19.65 -19.02
C SER A 10 14.21 19.68 -17.64
N LYS A 11 14.00 18.51 -17.04
CA LYS A 11 13.33 18.46 -15.71
C LYS A 11 14.14 19.21 -14.65
N LYS A 12 15.45 19.01 -14.67
CA LYS A 12 16.35 19.61 -13.69
C LYS A 12 16.26 21.13 -13.72
N TYR A 13 16.00 21.70 -14.91
CA TYR A 13 15.89 23.14 -15.12
C TYR A 13 14.52 23.75 -14.77
N LEU A 14 13.47 22.93 -14.74
CA LEU A 14 12.13 23.38 -14.36
C LEU A 14 12.12 24.02 -12.98
N LYS A 15 12.98 23.46 -12.12
CA LYS A 15 13.25 23.91 -10.76
C LYS A 15 13.70 25.37 -10.66
N GLU A 16 14.36 25.84 -11.70
CA GLU A 16 14.85 27.21 -11.75
C GLU A 16 13.72 28.23 -11.97
N GLN A 17 12.49 27.76 -12.14
CA GLN A 17 11.31 28.64 -12.03
C GLN A 17 11.20 29.25 -10.61
N ASN A 18 11.85 28.62 -9.64
CA ASN A 18 11.89 29.11 -8.25
CA ASN A 18 11.89 29.10 -8.25
C ASN A 18 10.48 29.43 -7.74
N ILE A 19 9.61 28.42 -7.80
CA ILE A 19 8.23 28.61 -7.39
C ILE A 19 8.18 29.04 -5.92
N ASN A 20 7.42 30.10 -5.65
CA ASN A 20 7.16 30.56 -4.29
C ASN A 20 5.65 30.42 -4.08
N LEU A 21 5.24 29.48 -3.24
CA LEU A 21 3.81 29.17 -3.06
C LEU A 21 2.98 30.36 -2.60
N LYS A 22 3.48 31.08 -1.60
CA LYS A 22 2.78 32.26 -1.09
CA LYS A 22 2.76 32.25 -1.10
C LYS A 22 2.50 33.25 -2.22
N ASN A 23 3.52 33.49 -3.03
CA ASN A 23 3.41 34.41 -4.16
C ASN A 23 2.41 33.90 -5.22
N GLU A 24 2.38 32.59 -5.50
CA GLU A 24 1.44 32.06 -6.49
C GLU A 24 -0.02 32.19 -6.07
N PHE A 25 -0.31 31.91 -4.81
CA PHE A 25 -1.65 32.00 -4.30
C PHE A 25 -2.08 33.46 -4.23
N ASP A 26 -1.14 34.35 -3.95
CA ASP A 26 -1.42 35.80 -3.87
CA ASP A 26 -1.43 35.79 -3.87
C ASP A 26 -1.82 36.33 -5.23
N LYS A 27 -1.10 35.89 -6.26
CA LYS A 27 -1.27 36.47 -7.58
C LYS A 27 -2.18 35.71 -8.54
N ASP A 28 -2.38 34.41 -8.27
CA ASP A 28 -3.16 33.57 -9.14
C ASP A 28 -4.48 33.21 -8.44
N ASP A 29 -5.55 33.94 -8.76
CA ASP A 29 -6.84 33.69 -8.12
CA ASP A 29 -6.88 33.74 -8.19
C ASP A 29 -7.50 32.38 -8.61
N LYS A 30 -6.91 31.72 -9.61
CA LYS A 30 -7.45 30.44 -10.08
CA LYS A 30 -7.42 30.44 -10.12
C LYS A 30 -6.51 29.26 -9.75
N ARG A 31 -5.56 29.49 -8.85
CA ARG A 31 -4.59 28.42 -8.50
C ARG A 31 -5.23 27.13 -8.06
N VAL A 32 -6.23 27.20 -7.18
CA VAL A 32 -6.84 25.96 -6.69
C VAL A 32 -7.62 25.28 -7.81
N GLU A 33 -8.36 26.06 -8.59
CA GLU A 33 -9.17 25.49 -9.68
C GLU A 33 -8.26 24.77 -10.67
N LYS A 34 -7.10 25.37 -10.95
CA LYS A 34 -6.17 24.78 -11.93
C LYS A 34 -5.54 23.49 -11.42
N PHE A 35 -5.22 23.47 -10.13
CA PHE A 35 -4.42 22.39 -9.53
C PHE A 35 -5.20 21.60 -8.47
N SER A 36 -6.44 21.30 -8.79
CA SER A 36 -7.25 20.33 -8.05
C SER A 36 -8.15 19.56 -9.01
N LEU A 37 -8.54 18.38 -8.58
CA LEU A 37 -9.40 17.49 -9.35
C LEU A 37 -10.37 16.84 -8.38
N LYS A 38 -11.49 16.38 -8.91
CA LYS A 38 -12.49 15.65 -8.16
C LYS A 38 -12.81 14.36 -8.88
N HIS A 39 -12.91 13.29 -8.12
CA HIS A 39 -13.42 12.01 -8.61
C HIS A 39 -14.41 11.50 -7.59
N GLN A 40 -15.70 11.60 -7.93
CA GLN A 40 -16.78 11.15 -7.09
C GLN A 40 -16.58 11.85 -5.76
N ASN A 41 -16.45 11.11 -4.69
CA ASN A 41 -16.30 11.62 -3.34
CA ASN A 41 -16.33 11.86 -3.41
C ASN A 41 -14.86 11.92 -2.87
N ILE A 42 -13.92 11.98 -3.81
CA ILE A 42 -12.50 12.28 -3.50
C ILE A 42 -12.17 13.64 -4.13
N TYR A 43 -11.62 14.52 -3.32
CA TYR A 43 -11.08 15.82 -3.75
C TYR A 43 -9.58 15.74 -3.64
N PHE A 44 -8.93 15.94 -4.77
CA PHE A 44 -7.48 15.87 -4.90
C PHE A 44 -6.90 17.27 -5.09
N ASP A 45 -6.30 17.83 -4.04
CA ASP A 45 -5.80 19.20 -4.07
C ASP A 45 -4.29 19.17 -4.10
N TYR A 46 -3.73 19.44 -5.28
CA TYR A 46 -2.27 19.46 -5.43
C TYR A 46 -1.71 20.85 -5.61
N SER A 47 -2.50 21.84 -5.19
CA SER A 47 -2.19 23.22 -5.42
C SER A 47 -1.04 23.75 -4.56
N LYS A 48 -0.74 23.10 -3.42
CA LYS A 48 0.43 23.47 -2.60
C LYS A 48 1.73 22.78 -3.05
N ASN A 49 1.75 22.22 -4.24
CA ASN A 49 3.00 21.68 -4.80
C ASN A 49 3.81 22.75 -5.52
N LEU A 50 5.13 22.52 -5.66
CA LEU A 50 6.06 23.49 -6.22
C LEU A 50 5.98 23.47 -7.77
N ILE A 51 4.82 23.87 -8.27
CA ILE A 51 4.53 23.88 -9.69
C ILE A 51 3.82 25.18 -10.05
N ASN A 52 3.86 25.46 -11.34
CA ASN A 52 3.02 26.44 -12.00
C ASN A 52 2.57 25.83 -13.33
N ASP A 53 1.88 26.63 -14.13
CA ASP A 53 1.42 26.12 -15.41
C ASP A 53 2.55 25.52 -16.26
N TYR A 54 3.66 26.22 -16.36
CA TYR A 54 4.77 25.80 -17.21
C TYR A 54 5.34 24.46 -16.76
N ILE A 55 5.58 24.35 -15.46
CA ILE A 55 6.13 23.11 -14.91
C ILE A 55 5.14 21.96 -15.15
N LEU A 56 3.86 22.16 -14.86
CA LEU A 56 2.90 21.05 -15.00
C LEU A 56 2.76 20.65 -16.45
N LYS A 57 2.63 21.66 -17.34
CA LYS A 57 2.44 21.36 -18.76
CA LYS A 57 2.45 21.37 -18.76
C LYS A 57 3.67 20.63 -19.29
N SER A 58 4.84 20.98 -18.81
CA SER A 58 6.06 20.28 -19.17
CA SER A 58 6.07 20.28 -19.16
C SER A 58 6.05 18.81 -18.71
N LEU A 59 5.62 18.58 -17.49
CA LEU A 59 5.49 17.20 -16.99
C LEU A 59 4.46 16.44 -17.81
N LEU A 60 3.31 17.06 -18.11
CA LEU A 60 2.26 16.41 -18.88
C LEU A 60 2.74 16.06 -20.27
N GLU A 61 3.53 16.94 -20.87
CA GLU A 61 4.10 16.66 -22.19
CA GLU A 61 4.14 16.70 -22.18
C GLU A 61 5.01 15.44 -22.14
N SER A 62 5.78 15.27 -21.07
CA SER A 62 6.60 14.06 -20.91
CA SER A 62 6.60 14.07 -20.86
C SER A 62 5.75 12.81 -20.86
N ALA A 63 4.63 12.86 -20.12
CA ALA A 63 3.71 11.71 -20.04
C ALA A 63 3.14 11.41 -21.44
N GLU A 64 2.71 12.45 -22.14
CA GLU A 64 2.14 12.30 -23.48
C GLU A 64 3.13 11.68 -24.48
N LYS A 65 4.40 12.10 -24.39
CA LYS A 65 5.47 11.63 -25.28
CA LYS A 65 5.44 11.62 -25.30
C LYS A 65 5.91 10.21 -24.94
N SER A 66 5.68 9.79 -23.69
CA SER A 66 6.08 8.45 -23.20
C SER A 66 5.22 7.38 -23.81
N SER A 67 5.48 6.13 -23.43
CA SER A 67 4.62 5.03 -23.85
C SER A 67 3.38 4.86 -22.98
N LEU A 68 3.11 5.78 -22.06
CA LEU A 68 2.06 5.57 -21.06
C LEU A 68 0.68 5.24 -21.64
N LYS A 69 0.23 5.98 -22.65
CA LYS A 69 -1.06 5.71 -23.26
C LYS A 69 -1.16 4.23 -23.69
N ASP A 70 -0.12 3.73 -24.34
CA ASP A 70 -0.12 2.32 -24.79
C ASP A 70 -0.06 1.36 -23.61
N LYS A 71 0.77 1.68 -22.63
CA LYS A 71 0.97 0.80 -21.48
C LYS A 71 -0.30 0.64 -20.70
N ILE A 72 -1.09 1.73 -20.58
CA ILE A 72 -2.37 1.64 -19.89
C ILE A 72 -3.28 0.63 -20.58
N LYS A 73 -3.36 0.71 -21.91
CA LYS A 73 -4.15 -0.24 -22.65
C LYS A 73 -3.61 -1.65 -22.48
N GLN A 74 -2.29 -1.79 -22.53
CA GLN A 74 -1.68 -3.12 -22.43
C GLN A 74 -1.94 -3.76 -21.06
N MSE A 75 -1.90 -2.96 -20.02
CA MSE A 75 -2.20 -3.50 -18.69
C MSE A 75 -3.64 -4.04 -18.68
O MSE A 75 -3.88 -5.20 -18.32
CB MSE A 75 -2.02 -2.47 -17.56
CG MSE A 75 -2.70 -2.93 -16.26
SE MSE A 75 -2.52 -1.76 -14.75
CE MSE A 75 -0.99 -2.17 -14.42
N PHE A 76 -4.62 -3.18 -19.04
CA PHE A 76 -6.01 -3.54 -18.95
C PHE A 76 -6.40 -4.71 -19.87
N ASN A 77 -5.77 -4.81 -21.04
CA ASN A 77 -6.09 -5.86 -22.04
CA ASN A 77 -6.15 -5.87 -22.00
C ASN A 77 -5.37 -7.18 -21.80
N GLY A 78 -4.52 -7.23 -20.76
CA GLY A 78 -3.86 -8.52 -20.41
C GLY A 78 -2.59 -8.80 -21.17
N ALA A 79 -1.97 -7.76 -21.73
CA ALA A 79 -0.66 -7.94 -22.38
C ALA A 79 0.33 -8.30 -21.26
N LYS A 80 1.41 -8.99 -21.63
CA LYS A 80 2.35 -9.52 -20.66
C LYS A 80 3.40 -8.48 -20.27
N ILE A 81 2.91 -7.42 -19.63
CA ILE A 81 3.76 -6.29 -19.27
C ILE A 81 4.71 -6.57 -18.10
N ASN A 82 4.49 -7.67 -17.36
CA ASN A 82 5.46 -8.16 -16.39
C ASN A 82 6.44 -8.97 -17.24
N SER A 83 7.41 -8.26 -17.75
CA SER A 83 8.13 -8.78 -18.88
C SER A 83 9.25 -9.70 -18.49
N THR A 84 9.68 -9.67 -17.22
CA THR A 84 10.72 -10.61 -16.79
C THR A 84 10.16 -11.98 -16.43
N GLU A 85 8.90 -12.02 -16.00
CA GLU A 85 8.21 -13.24 -15.64
C GLU A 85 7.28 -13.69 -16.74
N HIS A 86 7.15 -12.89 -17.80
CA HIS A 86 6.25 -13.17 -18.92
C HIS A 86 4.80 -13.42 -18.42
N ARG A 87 4.28 -12.44 -17.68
CA ARG A 87 2.94 -12.51 -17.09
C ARG A 87 2.17 -11.23 -17.38
N ALA A 88 0.85 -11.37 -17.47
CA ALA A 88 -0.04 -10.25 -17.43
C ALA A 88 -0.08 -9.68 -16.00
N VAL A 89 -0.68 -8.51 -15.90
CA VAL A 89 -0.76 -7.74 -14.68
C VAL A 89 -2.21 -7.27 -14.59
N LEU A 90 -3.02 -8.05 -13.90
CA LEU A 90 -4.48 -7.96 -14.05
C LEU A 90 -5.20 -7.85 -12.73
N HIS A 91 -4.56 -7.22 -11.77
CA HIS A 91 -5.30 -6.84 -10.56
C HIS A 91 -6.54 -6.01 -10.88
N THR A 92 -6.49 -5.19 -11.92
CA THR A 92 -7.72 -4.47 -12.34
C THR A 92 -8.90 -5.37 -12.66
N ALA A 93 -8.65 -6.53 -13.26
CA ALA A 93 -9.72 -7.45 -13.64
C ALA A 93 -10.45 -8.00 -12.40
N LEU A 94 -9.76 -8.07 -11.26
CA LEU A 94 -10.33 -8.61 -10.01
C LEU A 94 -11.54 -7.81 -9.56
N ARG A 95 -11.58 -6.54 -9.92
CA ARG A 95 -12.68 -5.64 -9.52
C ARG A 95 -13.52 -5.13 -10.70
N ASP A 96 -13.37 -5.73 -11.87
CA ASP A 96 -14.08 -5.25 -13.05
C ASP A 96 -15.60 -5.29 -12.94
N LEU A 97 -16.22 -4.19 -13.40
CA LEU A 97 -17.67 -4.11 -13.54
C LEU A 97 -18.09 -3.82 -14.98
N SER A 98 -17.12 -3.65 -15.90
CA SER A 98 -17.42 -3.37 -17.33
C SER A 98 -17.99 -4.58 -18.08
N SER A 99 -17.55 -5.78 -17.69
CA SER A 99 -17.88 -7.04 -18.35
C SER A 99 -17.46 -7.11 -19.84
N THR A 100 -16.53 -6.26 -20.23
CA THR A 100 -16.02 -6.29 -21.61
C THR A 100 -15.27 -7.63 -21.82
N PRO A 101 -15.14 -8.06 -23.06
CA PRO A 101 -14.49 -9.37 -23.28
C PRO A 101 -13.03 -9.37 -22.88
N LEU A 102 -12.58 -10.40 -22.17
CA LEU A 102 -11.18 -10.48 -21.76
C LEU A 102 -10.75 -11.91 -21.62
N ILE A 103 -9.95 -12.35 -22.58
CA ILE A 103 -9.50 -13.75 -22.63
C ILE A 103 -8.00 -13.65 -22.58
N VAL A 104 -7.42 -14.22 -21.54
CA VAL A 104 -5.96 -14.18 -21.31
C VAL A 104 -5.46 -15.55 -20.88
N ASP A 105 -4.40 -16.02 -21.51
CA ASP A 105 -3.83 -17.33 -21.23
CA ASP A 105 -3.82 -17.32 -21.21
C ASP A 105 -4.89 -18.41 -21.24
N GLY A 106 -5.77 -18.35 -22.24
CA GLY A 106 -6.77 -19.35 -22.44
C GLY A 106 -7.94 -19.33 -21.48
N GLN A 107 -7.98 -18.35 -20.60
CA GLN A 107 -9.09 -18.25 -19.68
C GLN A 107 -9.91 -17.03 -19.94
N ASP A 108 -11.22 -17.21 -19.81
CA ASP A 108 -12.16 -16.10 -19.83
C ASP A 108 -12.05 -15.47 -18.45
N ILE A 109 -11.37 -14.32 -18.40
CA ILE A 109 -11.02 -13.69 -17.12
C ILE A 109 -12.27 -13.26 -16.37
N ARG A 110 -13.29 -12.85 -17.13
CA ARG A 110 -14.54 -12.41 -16.50
C ARG A 110 -15.17 -13.60 -15.78
N GLN A 111 -15.25 -14.76 -16.45
CA GLN A 111 -15.84 -15.95 -15.84
CA GLN A 111 -15.85 -15.96 -15.85
C GLN A 111 -15.00 -16.41 -14.65
N GLU A 112 -13.66 -16.37 -14.81
CA GLU A 112 -12.76 -16.85 -13.78
C GLU A 112 -12.92 -16.04 -12.50
N VAL A 113 -12.92 -14.73 -12.64
CA VAL A 113 -13.01 -13.83 -11.49
C VAL A 113 -14.36 -13.99 -10.81
N THR A 114 -15.43 -13.96 -11.59
CA THR A 114 -16.77 -14.06 -11.05
C THR A 114 -17.01 -15.38 -10.29
N LYS A 115 -16.55 -16.47 -10.87
CA LYS A 115 -16.75 -17.79 -10.29
C LYS A 115 -16.04 -17.86 -8.94
N GLU A 116 -14.80 -17.39 -8.87
CA GLU A 116 -14.07 -17.47 -7.57
CA GLU A 116 -14.07 -17.46 -7.61
C GLU A 116 -14.71 -16.55 -6.53
N LYS A 117 -15.20 -15.38 -6.94
CA LYS A 117 -15.94 -14.52 -6.01
C LYS A 117 -17.17 -15.24 -5.45
N GLN A 118 -17.92 -15.91 -6.32
CA GLN A 118 -19.10 -16.64 -5.86
CA GLN A 118 -19.08 -16.69 -5.92
C GLN A 118 -18.68 -17.72 -4.86
N ARG A 119 -17.55 -18.39 -5.07
CA ARG A 119 -17.07 -19.39 -4.12
C ARG A 119 -16.72 -18.78 -2.75
N VAL A 120 -16.01 -17.65 -2.76
CA VAL A 120 -15.66 -16.96 -1.51
C VAL A 120 -16.93 -16.48 -0.78
N LYS A 121 -17.85 -15.90 -1.54
CA LYS A 121 -19.12 -15.45 -0.98
C LYS A 121 -19.85 -16.60 -0.30
N GLU A 122 -19.92 -17.76 -0.97
CA GLU A 122 -20.58 -18.92 -0.42
CA GLU A 122 -20.58 -18.93 -0.42
C GLU A 122 -19.92 -19.42 0.85
N LEU A 123 -18.59 -19.43 0.86
CA LEU A 123 -17.84 -19.86 2.04
C LEU A 123 -18.17 -18.93 3.24
N VAL A 124 -18.05 -17.62 3.02
CA VAL A 124 -18.31 -16.66 4.09
C VAL A 124 -19.75 -16.85 4.61
N GLU A 125 -20.71 -16.94 3.71
CA GLU A 125 -22.11 -17.13 4.10
CA GLU A 125 -22.11 -17.10 4.13
C GLU A 125 -22.33 -18.42 4.90
N LYS A 126 -21.71 -19.51 4.46
CA LYS A 126 -21.84 -20.81 5.12
CA LYS A 126 -21.86 -20.80 5.15
C LYS A 126 -21.28 -20.75 6.55
N VAL A 127 -20.14 -20.10 6.70
CA VAL A 127 -19.51 -19.96 7.99
C VAL A 127 -20.31 -19.01 8.89
N VAL A 128 -20.70 -17.86 8.38
CA VAL A 128 -21.42 -16.87 9.24
C VAL A 128 -22.80 -17.37 9.66
N SER A 129 -23.48 -18.09 8.76
CA SER A 129 -24.82 -18.61 9.03
C SER A 129 -24.78 -19.80 10.02
N GLY A 130 -23.63 -20.44 10.16
CA GLY A 130 -23.51 -21.63 10.98
C GLY A 130 -23.71 -22.95 10.27
N ARG A 131 -23.80 -22.93 8.95
CA ARG A 131 -23.90 -24.18 8.20
CA ARG A 131 -23.90 -24.17 8.16
C ARG A 131 -22.58 -24.95 8.12
N TRP A 132 -21.46 -24.22 8.07
CA TRP A 132 -20.11 -24.74 8.24
C TRP A 132 -19.91 -24.93 9.73
N ARG A 133 -19.55 -26.12 10.17
CA ARG A 133 -19.24 -26.35 11.58
C ARG A 133 -17.82 -26.87 11.73
N GLY A 134 -17.24 -26.66 12.90
CA GLY A 134 -15.99 -27.30 13.23
C GLY A 134 -16.19 -28.79 13.37
N PHE A 135 -15.10 -29.51 13.60
CA PHE A 135 -15.12 -30.94 13.61
C PHE A 135 -15.99 -31.52 14.74
N SER A 136 -16.11 -30.80 15.85
CA SER A 136 -16.97 -31.21 16.99
C SER A 136 -18.41 -30.67 16.86
N GLY A 137 -18.71 -30.04 15.72
CA GLY A 137 -20.07 -29.60 15.41
C GLY A 137 -20.40 -28.20 15.86
N LYS A 138 -19.39 -27.44 16.30
CA LYS A 138 -19.62 -26.07 16.79
C LYS A 138 -19.53 -25.02 15.70
N LYS A 139 -20.30 -23.94 15.89
CA LYS A 139 -20.27 -22.79 14.98
C LYS A 139 -18.92 -22.06 15.13
N ILE A 140 -18.39 -21.58 14.02
CA ILE A 140 -17.12 -20.86 14.00
C ILE A 140 -17.31 -19.47 14.58
N THR A 141 -16.36 -19.04 15.39
CA THR A 141 -16.39 -17.71 16.04
C THR A 141 -15.16 -16.86 15.65
N ASP A 142 -14.10 -17.50 15.15
CA ASP A 142 -12.82 -16.85 14.90
C ASP A 142 -12.21 -17.36 13.60
N ILE A 143 -11.58 -16.43 12.90
CA ILE A 143 -10.89 -16.66 11.65
C ILE A 143 -9.46 -16.27 11.85
N VAL A 144 -8.52 -17.12 11.45
CA VAL A 144 -7.11 -16.80 11.56
C VAL A 144 -6.49 -16.89 10.17
N ASN A 145 -6.06 -15.75 9.66
CA ASN A 145 -5.32 -15.69 8.39
C ASN A 145 -3.85 -15.92 8.65
N ILE A 146 -3.24 -16.86 7.93
CA ILE A 146 -1.82 -17.14 8.06
C ILE A 146 -1.20 -16.80 6.69
N GLY A 147 -0.37 -15.76 6.69
CA GLY A 147 0.24 -15.29 5.47
C GLY A 147 1.17 -14.14 5.74
N ILE A 148 2.01 -13.80 4.76
CA ILE A 148 3.02 -12.71 4.99
C ILE A 148 3.10 -11.83 3.76
N GLY A 149 3.42 -10.57 3.96
CA GLY A 149 3.57 -9.65 2.83
C GLY A 149 2.24 -9.45 2.14
N GLY A 150 2.22 -9.75 0.85
CA GLY A 150 1.01 -9.60 0.05
C GLY A 150 -0.16 -10.42 0.53
N SER A 151 0.14 -11.51 1.25
CA SER A 151 -0.88 -12.39 1.79
C SER A 151 -1.31 -12.04 3.22
N ASP A 152 -0.91 -10.84 3.69
CA ASP A 152 -1.18 -10.36 5.06
C ASP A 152 -1.56 -8.90 5.09
N LEU A 153 -0.73 -8.04 4.50
CA LEU A 153 -0.86 -6.60 4.74
CA LEU A 153 -0.85 -6.61 4.77
C LEU A 153 -2.16 -5.99 4.27
N GLY A 154 -2.60 -6.35 3.07
CA GLY A 154 -3.84 -5.75 2.53
C GLY A 154 -5.05 -6.15 3.37
N PRO A 155 -5.23 -7.43 3.61
CA PRO A 155 -6.37 -7.82 4.48
C PRO A 155 -6.29 -7.20 5.86
N LYS A 156 -5.10 -7.17 6.46
CA LYS A 156 -4.95 -6.62 7.81
C LYS A 156 -5.31 -5.12 7.80
N MSE A 157 -4.77 -4.40 6.80
CA MSE A 157 -5.00 -2.96 6.71
C MSE A 157 -6.46 -2.66 6.49
O MSE A 157 -7.02 -1.70 7.10
CB MSE A 157 -4.11 -2.36 5.60
CG MSE A 157 -4.25 -0.86 5.37
SE MSE A 157 -5.71 -0.30 4.24
CE MSE A 157 -4.85 -0.82 2.52
N VAL A 158 -7.11 -3.40 5.60
CA VAL A 158 -8.50 -3.10 5.26
C VAL A 158 -9.46 -3.47 6.40
N VAL A 159 -9.22 -4.61 7.04
CA VAL A 159 -10.04 -5.01 8.19
C VAL A 159 -9.98 -3.94 9.28
N ARG A 160 -8.79 -3.37 9.55
CA ARG A 160 -8.68 -2.26 10.48
C ARG A 160 -9.39 -1.03 9.97
N ALA A 161 -9.14 -0.69 8.71
CA ALA A 161 -9.63 0.58 8.18
C ALA A 161 -11.19 0.60 8.14
N LEU A 162 -11.79 -0.55 7.98
CA LEU A 162 -13.24 -0.71 7.90
C LEU A 162 -13.87 -1.32 9.17
N GLN A 163 -13.18 -1.14 10.28
CA GLN A 163 -13.67 -1.62 11.58
CA GLN A 163 -13.68 -1.63 11.58
C GLN A 163 -15.12 -1.25 11.85
N PRO A 164 -15.54 0.00 11.56
CA PRO A 164 -16.96 0.31 11.84
C PRO A 164 -17.99 -0.52 11.07
N TYR A 165 -17.55 -1.18 10.00
CA TYR A 165 -18.39 -1.98 9.12
C TYR A 165 -18.33 -3.49 9.46
N HIS A 166 -17.61 -3.87 10.53
CA HIS A 166 -17.59 -5.28 10.96
C HIS A 166 -19.02 -5.72 11.31
N CYS A 167 -19.45 -6.89 10.83
CA CYS A 167 -20.86 -7.26 10.96
C CYS A 167 -21.16 -8.75 10.92
N THR A 168 -20.14 -9.58 11.02
CA THR A 168 -20.32 -11.02 10.86
C THR A 168 -20.34 -11.76 12.18
N ASP A 169 -20.07 -11.06 13.30
CA ASP A 169 -19.89 -11.69 14.61
C ASP A 169 -18.67 -12.65 14.65
N LEU A 170 -17.77 -12.54 13.67
CA LEU A 170 -16.51 -13.28 13.71
C LEU A 170 -15.39 -12.32 14.06
N LYS A 171 -14.43 -12.78 14.85
CA LYS A 171 -13.20 -12.05 15.06
C LYS A 171 -12.15 -12.60 14.11
N VAL A 172 -11.42 -11.69 13.46
CA VAL A 172 -10.40 -12.01 12.46
C VAL A 172 -9.03 -11.64 13.00
N HIS A 173 -8.10 -12.58 12.91
CA HIS A 173 -6.76 -12.49 13.45
C HIS A 173 -5.76 -12.71 12.31
N PHE A 174 -4.61 -12.06 12.40
CA PHE A 174 -3.57 -12.14 11.35
C PHE A 174 -2.27 -12.64 11.93
N VAL A 175 -1.82 -13.78 11.41
CA VAL A 175 -0.57 -14.41 11.75
C VAL A 175 0.32 -14.29 10.53
N SER A 176 1.56 -13.87 10.71
CA SER A 176 2.42 -13.53 9.60
C SER A 176 3.90 -13.83 9.83
N ASN A 177 4.51 -13.10 10.75
CA ASN A 177 5.93 -13.31 11.04
C ASN A 177 6.22 -14.78 11.39
N VAL A 178 7.39 -15.27 11.03
CA VAL A 178 7.83 -16.57 11.55
C VAL A 178 8.09 -16.50 13.08
N ASP A 179 8.44 -15.33 13.59
CA ASP A 179 8.53 -15.13 15.04
C ASP A 179 7.25 -15.68 15.63
N ALA A 180 7.36 -16.68 16.50
CA ALA A 180 6.17 -17.38 17.00
C ALA A 180 5.30 -16.52 17.87
N ASP A 181 5.78 -15.36 18.30
CA ASP A 181 4.87 -14.43 18.96
C ASP A 181 3.61 -14.17 18.09
N SER A 182 3.80 -14.09 16.76
CA SER A 182 2.69 -13.81 15.85
C SER A 182 1.62 -14.89 15.94
N LEU A 183 2.05 -16.13 15.74
CA LEU A 183 1.11 -17.24 15.86
C LEU A 183 0.47 -17.32 17.24
N LEU A 184 1.29 -17.15 18.26
CA LEU A 184 0.83 -17.33 19.63
C LEU A 184 -0.18 -16.24 20.04
N GLN A 185 -0.06 -15.04 19.52
CA GLN A 185 -1.04 -14.01 19.85
C GLN A 185 -2.43 -14.44 19.40
N ALA A 186 -2.49 -15.15 18.29
CA ALA A 186 -3.76 -15.68 17.80
C ALA A 186 -4.18 -16.90 18.60
N LEU A 187 -3.32 -17.90 18.68
CA LEU A 187 -3.72 -19.17 19.28
C LEU A 187 -4.11 -19.02 20.77
N HIS A 188 -3.51 -18.03 21.45
CA HIS A 188 -3.82 -17.81 22.88
CA HIS A 188 -3.82 -17.78 22.88
C HIS A 188 -5.25 -17.31 23.11
N VAL A 189 -5.92 -16.78 22.09
CA VAL A 189 -7.24 -16.21 22.27
C VAL A 189 -8.31 -16.92 21.43
N VAL A 190 -7.98 -18.04 20.82
CA VAL A 190 -8.98 -18.77 20.05
C VAL A 190 -9.05 -20.23 20.46
N ASP A 191 -10.23 -20.81 20.23
CA ASP A 191 -10.56 -22.21 20.56
C ASP A 191 -10.43 -23.03 19.29
N PRO A 192 -9.66 -24.12 19.34
CA PRO A 192 -9.53 -24.89 18.10
C PRO A 192 -10.85 -25.40 17.54
N GLU A 193 -11.83 -25.68 18.40
CA GLU A 193 -13.11 -26.20 17.94
C GLU A 193 -13.97 -25.15 17.24
N THR A 194 -13.64 -23.86 17.36
CA THR A 194 -14.46 -22.80 16.77
C THR A 194 -13.69 -21.82 15.88
N THR A 195 -12.54 -22.28 15.37
CA THR A 195 -11.66 -21.45 14.57
C THR A 195 -11.45 -22.05 13.18
N LEU A 196 -11.59 -21.19 12.17
CA LEU A 196 -11.24 -21.50 10.78
C LEU A 196 -9.93 -20.79 10.45
N LEU A 197 -8.95 -21.59 10.04
CA LEU A 197 -7.66 -21.11 9.64
C LEU A 197 -7.53 -21.06 8.13
N ILE A 198 -6.96 -19.97 7.66
CA ILE A 198 -6.71 -19.72 6.21
C ILE A 198 -5.22 -19.70 5.95
N ILE A 199 -4.71 -20.58 5.08
CA ILE A 199 -3.33 -20.52 4.68
C ILE A 199 -3.29 -19.73 3.37
N ALA A 200 -2.79 -18.50 3.43
CA ALA A 200 -2.79 -17.59 2.29
C ALA A 200 -1.38 -17.48 1.76
N SER A 201 -1.12 -18.04 0.60
CA SER A 201 0.23 -17.98 0.00
C SER A 201 0.14 -18.21 -1.52
N LYS A 202 0.39 -17.17 -2.30
CA LYS A 202 0.40 -17.32 -3.76
C LYS A 202 1.25 -18.49 -4.21
N SER A 203 2.50 -18.52 -3.72
CA SER A 203 3.48 -19.56 -4.11
C SER A 203 3.27 -20.88 -3.40
N PHE A 204 2.68 -20.83 -2.20
CA PHE A 204 2.65 -21.98 -1.26
C PHE A 204 4.03 -22.56 -0.92
N SER A 205 5.05 -21.72 -1.00
CA SER A 205 6.40 -22.13 -0.66
C SER A 205 7.14 -21.17 0.26
N THR A 206 6.44 -20.21 0.83
CA THR A 206 7.08 -19.23 1.67
C THR A 206 7.39 -19.83 3.01
N GLU A 207 8.65 -19.75 3.41
CA GLU A 207 9.12 -20.39 4.63
C GLU A 207 8.28 -20.05 5.85
N GLU A 208 8.02 -18.77 6.05
CA GLU A 208 7.33 -18.34 7.27
C GLU A 208 5.91 -18.92 7.33
N THR A 209 5.23 -18.85 6.19
CA THR A 209 3.85 -19.29 6.12
C THR A 209 3.75 -20.78 6.27
N LEU A 210 4.68 -21.52 5.67
CA LEU A 210 4.66 -22.95 5.85
C LEU A 210 4.94 -23.35 7.32
N LEU A 211 5.91 -22.70 7.97
CA LEU A 211 6.21 -23.01 9.39
CA LEU A 211 6.19 -23.04 9.37
C LEU A 211 5.00 -22.69 10.26
N ASN A 212 4.41 -21.52 10.05
CA ASN A 212 3.26 -21.15 10.79
C ASN A 212 2.09 -22.12 10.61
N SER A 213 1.87 -22.57 9.36
CA SER A 213 0.76 -23.46 9.05
C SER A 213 1.01 -24.85 9.67
N ILE A 214 2.26 -25.33 9.63
CA ILE A 214 2.59 -26.61 10.25
C ILE A 214 2.36 -26.52 11.78
N SER A 215 2.74 -25.41 12.39
CA SER A 215 2.55 -25.23 13.81
C SER A 215 1.06 -25.11 14.16
N ALA A 216 0.28 -24.39 13.36
CA ALA A 216 -1.17 -24.26 13.60
C ALA A 216 -1.83 -25.63 13.44
N ARG A 217 -1.43 -26.41 12.42
CA ARG A 217 -1.99 -27.74 12.26
CA ARG A 217 -1.97 -27.76 12.23
C ARG A 217 -1.64 -28.65 13.43
N GLU A 218 -0.42 -28.55 13.93
CA GLU A 218 0.00 -29.32 15.11
CA GLU A 218 0.01 -29.30 15.11
C GLU A 218 -0.85 -28.94 16.33
N TRP A 219 -1.14 -27.66 16.50
CA TRP A 219 -2.03 -27.20 17.58
C TRP A 219 -3.44 -27.78 17.46
N LEU A 220 -4.01 -27.77 16.26
CA LEU A 220 -5.36 -28.26 16.03
C LEU A 220 -5.39 -29.76 16.31
N LEU A 221 -4.37 -30.49 15.82
CA LEU A 221 -4.33 -31.92 16.01
C LEU A 221 -3.98 -32.34 17.43
N ASP A 222 -3.22 -31.53 18.14
CA ASP A 222 -3.01 -31.76 19.57
C ASP A 222 -4.34 -31.75 20.30
N HIS A 223 -5.26 -30.87 19.91
CA HIS A 223 -6.56 -30.82 20.55
C HIS A 223 -7.43 -31.99 20.17
N TYR A 224 -7.61 -32.18 18.86
CA TYR A 224 -8.55 -33.20 18.41
C TYR A 224 -8.01 -34.64 18.35
N GLU A 225 -6.70 -34.80 18.14
CA GLU A 225 -6.06 -36.11 18.02
C GLU A 225 -6.69 -36.95 16.90
N ASP A 226 -7.10 -36.27 15.83
CA ASP A 226 -7.80 -36.89 14.71
C ASP A 226 -7.50 -36.06 13.45
N GLU A 227 -6.73 -36.64 12.53
CA GLU A 227 -6.35 -35.91 11.31
CA GLU A 227 -6.36 -36.06 11.21
C GLU A 227 -7.54 -35.47 10.49
N LYS A 228 -8.69 -36.12 10.64
CA LYS A 228 -9.88 -35.72 9.91
CA LYS A 228 -9.89 -35.73 9.92
C LYS A 228 -10.38 -34.33 10.29
N ALA A 229 -9.91 -33.80 11.43
CA ALA A 229 -10.33 -32.46 11.85
C ALA A 229 -9.82 -31.38 10.91
N VAL A 230 -8.76 -31.67 10.15
CA VAL A 230 -8.21 -30.66 9.25
C VAL A 230 -9.26 -30.16 8.24
N ALA A 231 -10.13 -31.05 7.82
CA ALA A 231 -11.17 -30.72 6.86
C ALA A 231 -12.11 -29.60 7.32
N ASN A 232 -12.39 -29.51 8.62
CA ASN A 232 -13.37 -28.51 9.12
C ASN A 232 -12.70 -27.24 9.57
N HIS A 233 -11.38 -27.19 9.55
CA HIS A 233 -10.67 -26.06 10.21
C HIS A 233 -9.62 -25.34 9.35
N PHE A 234 -9.39 -25.80 8.11
CA PHE A 234 -8.42 -25.16 7.21
C PHE A 234 -8.99 -24.96 5.82
N VAL A 235 -8.71 -23.78 5.25
CA VAL A 235 -8.85 -23.53 3.81
C VAL A 235 -7.53 -22.91 3.35
N ALA A 236 -7.29 -22.89 2.05
CA ALA A 236 -6.04 -22.40 1.48
C ALA A 236 -6.34 -21.50 0.30
N ILE A 237 -5.50 -20.49 0.10
CA ILE A 237 -5.57 -19.53 -1.02
C ILE A 237 -4.23 -19.55 -1.70
N SER A 238 -4.18 -19.96 -2.98
CA SER A 238 -2.88 -20.05 -3.63
C SER A 238 -3.04 -20.11 -5.13
N SER A 239 -1.93 -19.87 -5.83
CA SER A 239 -1.85 -20.19 -7.27
C SER A 239 -1.27 -21.57 -7.58
N LYS A 240 -0.82 -22.30 -6.55
CA LYS A 240 -0.10 -23.56 -6.73
C LYS A 240 -0.88 -24.67 -6.04
N LEU A 241 -1.98 -25.09 -6.64
CA LEU A 241 -2.89 -26.03 -5.98
C LEU A 241 -2.27 -27.41 -5.78
N ASP A 242 -1.30 -27.78 -6.62
CA ASP A 242 -0.55 -29.02 -6.45
CA ASP A 242 -0.62 -29.05 -6.42
C ASP A 242 0.16 -29.03 -5.11
N LYS A 243 0.71 -27.86 -4.73
CA LYS A 243 1.43 -27.74 -3.48
C LYS A 243 0.47 -27.75 -2.29
N VAL A 244 -0.73 -27.20 -2.46
CA VAL A 244 -1.73 -27.23 -1.39
C VAL A 244 -2.15 -28.68 -1.11
N LYS A 245 -2.41 -29.44 -2.18
CA LYS A 245 -2.75 -30.86 -2.04
CA LYS A 245 -2.73 -30.87 -2.06
C LYS A 245 -1.65 -31.62 -1.28
N GLU A 246 -0.40 -31.39 -1.69
CA GLU A 246 0.77 -31.98 -1.06
C GLU A 246 0.85 -31.64 0.45
N PHE A 247 0.39 -30.44 0.83
CA PHE A 247 0.34 -30.06 2.24
C PHE A 247 -0.72 -30.81 3.04
N GLY A 248 -1.80 -31.25 2.38
CA GLY A 248 -2.85 -32.02 3.03
C GLY A 248 -4.23 -31.40 3.04
N ILE A 249 -4.42 -30.30 2.29
CA ILE A 249 -5.74 -29.72 2.17
C ILE A 249 -6.30 -30.07 0.78
N ASP A 250 -7.56 -30.51 0.73
CA ASP A 250 -8.13 -30.92 -0.57
C ASP A 250 -8.59 -29.75 -1.42
N LEU A 251 -8.85 -30.04 -2.70
CA LEU A 251 -9.14 -28.98 -3.64
CA LEU A 251 -9.20 -29.05 -3.72
C LEU A 251 -10.47 -28.27 -3.37
N GLU A 252 -11.44 -28.94 -2.74
CA GLU A 252 -12.70 -28.27 -2.43
CA GLU A 252 -12.70 -28.25 -2.39
C GLU A 252 -12.46 -27.19 -1.36
N HIS A 253 -11.34 -27.30 -0.64
CA HIS A 253 -10.99 -26.33 0.40
C HIS A 253 -9.94 -25.32 -0.09
N CYS A 254 -9.69 -25.27 -1.42
CA CYS A 254 -8.69 -24.38 -1.96
CA CYS A 254 -8.69 -24.40 -2.04
C CYS A 254 -9.38 -23.30 -2.83
N TYR A 255 -8.85 -22.10 -2.72
CA TYR A 255 -9.40 -20.93 -3.37
C TYR A 255 -8.28 -20.38 -4.24
N LYS A 256 -8.47 -20.40 -5.54
CA LYS A 256 -7.33 -20.16 -6.41
C LYS A 256 -7.09 -18.66 -6.61
N MSE A 257 -5.84 -18.33 -6.93
CA MSE A 257 -5.51 -17.03 -7.49
C MSE A 257 -4.66 -17.30 -8.72
O MSE A 257 -4.25 -18.42 -8.96
CB MSE A 257 -4.82 -16.12 -6.46
CG MSE A 257 -3.59 -16.67 -5.88
SE MSE A 257 -3.03 -15.80 -4.21
CE MSE A 257 -2.68 -14.04 -4.91
N TRP A 258 -4.48 -16.29 -9.54
CA TRP A 258 -3.86 -16.45 -10.84
C TRP A 258 -2.47 -15.85 -10.83
N ASP A 259 -1.62 -16.26 -11.75
CA ASP A 259 -0.26 -15.73 -11.79
CA ASP A 259 -0.25 -15.74 -11.88
C ASP A 259 -0.23 -14.23 -12.05
N TRP A 260 -1.27 -13.72 -12.69
CA TRP A 260 -1.35 -12.29 -13.00
C TRP A 260 -1.85 -11.39 -11.87
N VAL A 261 -2.05 -11.97 -10.69
CA VAL A 261 -2.33 -11.25 -9.45
C VAL A 261 -1.04 -11.14 -8.65
N GLY A 262 -0.41 -9.97 -8.72
CA GLY A 262 0.77 -9.74 -7.89
C GLY A 262 0.36 -9.76 -6.42
N GLY A 263 1.20 -10.32 -5.56
CA GLY A 263 0.90 -10.39 -4.11
C GLY A 263 0.53 -9.05 -3.52
N ARG A 264 1.33 -8.05 -3.84
CA ARG A 264 1.11 -6.69 -3.36
C ARG A 264 -0.06 -5.94 -4.02
N TYR A 265 -0.77 -6.63 -4.90
CA TYR A 265 -2.02 -6.19 -5.54
C TYR A 265 -3.12 -7.23 -5.43
N SER A 266 -3.07 -8.03 -4.36
CA SER A 266 -3.89 -9.21 -4.25
C SER A 266 -5.09 -9.15 -3.31
N LEU A 267 -5.27 -8.08 -2.54
CA LEU A 267 -6.39 -8.06 -1.58
C LEU A 267 -7.75 -8.16 -2.28
N TRP A 268 -7.76 -7.77 -3.56
CA TRP A 268 -8.98 -7.76 -4.39
C TRP A 268 -9.41 -9.16 -4.83
N SER A 269 -8.51 -10.12 -4.69
CA SER A 269 -8.72 -11.51 -5.11
C SER A 269 -9.29 -12.33 -3.94
N SER A 270 -9.21 -13.64 -4.03
CA SER A 270 -9.61 -14.47 -2.92
C SER A 270 -8.77 -14.23 -1.66
N ILE A 271 -7.60 -13.62 -1.81
CA ILE A 271 -6.80 -13.27 -0.62
C ILE A 271 -7.60 -12.34 0.29
N GLY A 272 -8.52 -11.57 -0.27
CA GLY A 272 -9.44 -10.75 0.48
C GLY A 272 -10.51 -11.48 1.32
N MSE A 273 -10.47 -12.84 1.35
CA MSE A 273 -11.46 -13.62 2.06
C MSE A 273 -11.60 -13.12 3.52
O MSE A 273 -12.70 -12.94 4.02
CB MSE A 273 -11.03 -15.12 2.02
CG MSE A 273 -11.75 -16.06 2.86
SE MSE A 273 -10.85 -17.74 2.74
CE MSE A 273 -11.13 -18.07 0.83
N SER A 274 -10.47 -12.88 4.18
CA SER A 274 -10.53 -12.46 5.58
C SER A 274 -11.17 -11.10 5.75
N ILE A 275 -11.08 -10.28 4.71
CA ILE A 275 -11.80 -8.98 4.70
C ILE A 275 -13.30 -9.25 4.73
N ALA A 276 -13.76 -10.10 3.83
CA ALA A 276 -15.20 -10.47 3.75
C ALA A 276 -15.67 -11.15 5.05
N PHE A 277 -14.79 -11.92 5.69
CA PHE A 277 -15.14 -12.54 6.96
C PHE A 277 -15.36 -11.51 8.09
N ALA A 278 -14.78 -10.32 7.96
CA ALA A 278 -14.98 -9.26 8.95
C ALA A 278 -16.19 -8.40 8.61
N ILE A 279 -16.27 -7.94 7.35
CA ILE A 279 -17.24 -6.91 6.97
C ILE A 279 -18.40 -7.43 6.09
N GLY A 280 -18.40 -8.73 5.76
CA GLY A 280 -19.44 -9.32 4.92
C GLY A 280 -19.09 -9.15 3.43
N TYR A 281 -19.69 -9.96 2.57
CA TYR A 281 -19.32 -9.98 1.18
C TYR A 281 -19.89 -8.76 0.49
N ASP A 282 -21.05 -8.26 0.92
CA ASP A 282 -21.63 -7.07 0.28
C ASP A 282 -20.64 -5.88 0.37
N ASN A 283 -20.08 -5.67 1.55
CA ASN A 283 -19.08 -4.62 1.73
C ASN A 283 -17.78 -4.89 0.97
N PHE A 284 -17.39 -6.17 0.84
CA PHE A 284 -16.27 -6.48 -0.03
C PHE A 284 -16.55 -6.06 -1.49
N GLU A 285 -17.79 -6.28 -1.97
CA GLU A 285 -18.12 -5.85 -3.33
CA GLU A 285 -18.16 -5.87 -3.32
C GLU A 285 -18.06 -4.35 -3.45
N LYS A 286 -18.40 -3.64 -2.40
CA LYS A 286 -18.33 -2.17 -2.42
CA LYS A 286 -18.32 -2.17 -2.41
C LYS A 286 -16.87 -1.69 -2.49
N LEU A 287 -16.01 -2.32 -1.75
CA LEU A 287 -14.55 -2.06 -1.81
C LEU A 287 -14.08 -2.22 -3.26
N LEU A 288 -14.44 -3.34 -3.90
CA LEU A 288 -14.05 -3.60 -5.29
CA LEU A 288 -13.99 -3.57 -5.25
C LEU A 288 -14.61 -2.53 -6.22
N ALA A 289 -15.86 -2.14 -5.99
CA ALA A 289 -16.54 -1.17 -6.85
C ALA A 289 -15.87 0.20 -6.75
N GLY A 290 -15.37 0.57 -5.56
CA GLY A 290 -14.64 1.84 -5.46
C GLY A 290 -13.35 1.83 -6.27
N ALA A 291 -12.65 0.71 -6.23
CA ALA A 291 -11.44 0.55 -7.04
C ALA A 291 -11.79 0.62 -8.53
N TYR A 292 -12.85 -0.08 -8.95
CA TYR A 292 -13.30 0.00 -10.33
C TYR A 292 -13.53 1.44 -10.77
N SER A 293 -14.15 2.24 -9.93
CA SER A 293 -14.42 3.62 -10.33
C SER A 293 -13.13 4.36 -10.67
N VAL A 294 -12.07 4.10 -9.92
CA VAL A 294 -10.77 4.71 -10.17
C VAL A 294 -10.10 4.10 -11.39
N ASP A 295 -10.24 2.79 -11.59
CA ASP A 295 -9.76 2.16 -12.81
C ASP A 295 -10.35 2.84 -14.05
N LYS A 296 -11.66 3.06 -14.05
CA LYS A 296 -12.36 3.67 -15.15
C LYS A 296 -11.85 5.11 -15.36
N HIS A 297 -11.72 5.85 -14.27
CA HIS A 297 -11.12 7.20 -14.32
C HIS A 297 -9.74 7.17 -14.96
N PHE A 298 -8.88 6.29 -14.50
CA PHE A 298 -7.50 6.22 -14.94
C PHE A 298 -7.42 5.86 -16.42
N LYS A 299 -8.22 4.85 -16.83
CA LYS A 299 -8.19 4.32 -18.21
CA LYS A 299 -8.21 4.33 -18.20
C LYS A 299 -8.73 5.32 -19.22
N GLU A 300 -9.67 6.17 -18.80
CA GLU A 300 -10.45 6.96 -19.76
C GLU A 300 -10.12 8.45 -19.80
N THR A 301 -9.44 8.94 -18.79
CA THR A 301 -9.27 10.37 -18.63
C THR A 301 -7.96 10.89 -19.21
N GLU A 302 -8.07 12.00 -19.95
CA GLU A 302 -6.89 12.68 -20.45
C GLU A 302 -5.95 13.00 -19.29
N PHE A 303 -4.65 12.95 -19.55
CA PHE A 303 -3.65 13.03 -18.49
C PHE A 303 -3.73 14.28 -17.64
N SER A 304 -4.03 15.43 -18.23
CA SER A 304 -4.14 16.67 -17.46
C SER A 304 -5.23 16.65 -16.37
N LYS A 305 -6.16 15.70 -16.43
CA LYS A 305 -7.27 15.62 -15.49
CA LYS A 305 -7.27 15.61 -15.48
C LYS A 305 -7.31 14.25 -14.78
N ASN A 306 -6.22 13.52 -14.86
CA ASN A 306 -6.12 12.15 -14.42
C ASN A 306 -5.30 12.10 -13.11
N ILE A 307 -5.97 11.77 -12.01
CA ILE A 307 -5.40 11.90 -10.70
C ILE A 307 -4.16 11.05 -10.51
N PRO A 308 -4.20 9.74 -10.86
CA PRO A 308 -2.96 8.98 -10.70
C PRO A 308 -1.75 9.46 -11.53
N VAL A 309 -2.03 9.92 -12.74
CA VAL A 309 -0.99 10.44 -13.59
C VAL A 309 -0.38 11.70 -12.92
N ILE A 310 -1.21 12.61 -12.43
CA ILE A 310 -0.66 13.77 -11.74
C ILE A 310 0.17 13.38 -10.50
N MSE A 311 -0.37 12.47 -9.69
CA MSE A 311 0.34 11.98 -8.47
C MSE A 311 1.74 11.47 -8.88
O MSE A 311 2.77 11.79 -8.25
CB MSE A 311 -0.47 10.86 -7.80
CG MSE A 311 -1.70 11.30 -7.09
SE MSE A 311 -2.84 9.86 -6.60
CE MSE A 311 -1.75 9.15 -5.18
N ALA A 312 1.77 10.68 -9.96
CA ALA A 312 3.02 10.06 -10.41
C ALA A 312 4.02 11.13 -10.92
N LEU A 313 3.53 12.07 -11.73
CA LEU A 313 4.40 13.12 -12.29
C LEU A 313 4.98 13.99 -11.19
N LEU A 314 4.17 14.36 -10.20
CA LEU A 314 4.68 15.19 -9.12
C LEU A 314 5.79 14.44 -8.35
N ALA A 315 5.51 13.19 -8.02
CA ALA A 315 6.44 12.38 -7.22
C ALA A 315 7.77 12.19 -7.97
N SER A 316 7.70 11.76 -9.22
CA SER A 316 8.91 11.57 -10.01
C SER A 316 9.62 12.87 -10.35
N TYR A 317 8.89 13.98 -10.51
CA TYR A 317 9.51 15.27 -10.69
C TYR A 317 10.37 15.62 -9.47
N TYR A 318 9.82 15.45 -8.27
CA TYR A 318 10.58 15.81 -7.07
C TYR A 318 11.83 14.94 -6.92
N SER A 319 11.67 13.63 -7.07
CA SER A 319 12.77 12.74 -6.81
C SER A 319 13.86 12.87 -7.89
N CYS A 320 13.47 13.37 -9.07
CA CYS A 320 14.44 13.70 -10.13
C CYS A 320 15.16 15.01 -9.86
N THR A 321 14.38 16.06 -9.74
CA THR A 321 14.96 17.40 -9.82
CA THR A 321 14.92 17.41 -9.82
C THR A 321 15.45 17.94 -8.50
N TYR A 322 14.85 17.48 -7.39
CA TYR A 322 15.30 17.86 -6.05
C TYR A 322 16.19 16.79 -5.41
N ASN A 323 16.34 15.67 -6.13
CA ASN A 323 17.13 14.54 -5.65
C ASN A 323 16.66 14.05 -4.27
N SER A 324 15.38 14.20 -3.99
CA SER A 324 14.80 13.65 -2.77
C SER A 324 14.77 12.11 -2.83
N GLN A 325 14.86 11.51 -1.66
CA GLN A 325 15.02 10.06 -1.53
C GLN A 325 13.96 9.46 -0.63
N SER A 326 12.93 10.25 -0.30
CA SER A 326 11.75 9.73 0.40
C SER A 326 10.53 10.61 0.15
N GLN A 327 9.37 10.05 0.49
CA GLN A 327 8.08 10.70 0.44
C GLN A 327 7.36 10.36 1.72
N ALA A 328 6.67 11.35 2.31
CA ALA A 328 5.91 11.18 3.54
C ALA A 328 4.41 11.09 3.20
N LEU A 329 3.73 10.14 3.83
CA LEU A 329 2.27 9.92 3.68
C LEU A 329 1.70 9.97 5.09
N LEU A 330 0.75 10.89 5.28
CA LEU A 330 0.25 11.31 6.58
C LEU A 330 -1.30 11.15 6.58
N PRO A 331 -1.78 9.96 6.98
CA PRO A 331 -3.24 9.75 7.02
C PRO A 331 -3.85 10.27 8.30
N TYR A 332 -4.74 11.25 8.19
CA TYR A 332 -5.34 11.87 9.38
C TYR A 332 -6.61 11.12 9.80
N ASP A 333 -6.44 9.83 10.05
CA ASP A 333 -7.52 8.99 10.61
C ASP A 333 -6.90 7.74 11.21
N GLU A 334 -7.28 7.46 12.45
CA GLU A 334 -6.79 6.28 13.18
C GLU A 334 -7.03 4.99 12.40
N ARG A 335 -8.12 4.92 11.67
CA ARG A 335 -8.47 3.72 10.95
C ARG A 335 -7.46 3.34 9.87
N LEU A 336 -6.68 4.33 9.42
CA LEU A 336 -5.67 4.15 8.40
C LEU A 336 -4.28 3.88 8.98
N CYS A 337 -4.25 3.30 10.19
CA CYS A 337 -2.97 3.05 10.83
C CYS A 337 -2.06 2.10 10.12
N TYR A 338 -2.58 1.21 9.27
CA TYR A 338 -1.71 0.30 8.49
C TYR A 338 -1.56 0.72 7.01
N PHE A 339 -2.07 1.90 6.65
CA PHE A 339 -2.10 2.31 5.27
C PHE A 339 -0.68 2.58 4.76
N VAL A 340 0.14 3.28 5.54
CA VAL A 340 1.54 3.49 5.15
C VAL A 340 2.22 2.13 5.00
N ASP A 341 2.05 1.22 5.96
CA ASP A 341 2.73 -0.08 5.89
C ASP A 341 2.36 -0.82 4.59
N TYR A 342 1.09 -0.76 4.24
CA TYR A 342 0.58 -1.41 3.07
C TYR A 342 1.21 -0.80 1.79
N LEU A 343 1.19 0.53 1.70
CA LEU A 343 1.70 1.21 0.50
C LEU A 343 3.23 1.11 0.43
N GLN A 344 3.92 0.91 1.56
CA GLN A 344 5.34 0.64 1.48
C GLN A 344 5.65 -0.56 0.64
N GLN A 345 4.88 -1.66 0.78
CA GLN A 345 5.03 -2.80 -0.07
C GLN A 345 4.64 -2.45 -1.52
N ALA A 346 3.44 -1.92 -1.71
CA ALA A 346 2.99 -1.65 -3.06
C ALA A 346 4.01 -0.79 -3.83
N ASP A 347 4.51 0.26 -3.17
CA ASP A 347 5.37 1.23 -3.84
C ASP A 347 6.82 0.68 -3.92
N MSE A 348 7.44 0.37 -2.80
CA MSE A 348 8.87 0.08 -2.78
C MSE A 348 9.17 -1.28 -3.37
O MSE A 348 10.20 -1.42 -4.02
CB MSE A 348 9.41 0.18 -1.35
CG MSE A 348 9.21 1.59 -0.77
SE MSE A 348 9.81 1.73 1.08
CE MSE A 348 11.41 1.49 0.91
N GLU A 349 8.31 -2.28 -3.19
CA GLU A 349 8.59 -3.56 -3.79
C GLU A 349 8.38 -3.52 -5.31
N SER A 350 7.54 -2.61 -5.76
CA SER A 350 7.33 -2.42 -7.18
C SER A 350 8.52 -1.66 -7.83
N ASN A 351 8.90 -0.52 -7.26
CA ASN A 351 9.71 0.45 -8.00
C ASN A 351 11.15 0.58 -7.47
N GLY A 352 11.51 -0.25 -6.47
CA GLY A 352 12.88 -0.38 -6.03
C GLY A 352 13.63 -1.31 -6.97
N LYS A 353 13.97 -0.80 -8.15
CA LYS A 353 14.60 -1.54 -9.23
C LYS A 353 15.75 -0.72 -9.78
N SER A 354 16.81 -1.39 -10.15
CA SER A 354 18.03 -0.74 -10.65
C SER A 354 18.25 -0.90 -12.15
N VAL A 355 17.52 -1.81 -12.79
CA VAL A 355 17.61 -2.04 -14.23
C VAL A 355 16.30 -1.74 -14.93
N ASN A 356 16.40 -1.32 -16.19
CA ASN A 356 15.22 -1.09 -17.03
C ASN A 356 14.70 -2.39 -17.62
N ILE A 357 13.64 -2.29 -18.42
CA ILE A 357 12.98 -3.45 -19.03
C ILE A 357 13.97 -4.29 -19.83
N ALA A 358 14.93 -3.62 -20.48
CA ALA A 358 15.97 -4.28 -21.27
C ALA A 358 17.09 -4.89 -20.45
N GLY A 359 17.11 -4.68 -19.15
CA GLY A 359 18.14 -5.21 -18.27
C GLY A 359 19.35 -4.31 -18.09
N GLU A 360 19.28 -3.08 -18.57
CA GLU A 360 20.40 -2.15 -18.47
C GLU A 360 20.32 -1.44 -17.14
N THR A 361 21.44 -1.24 -16.47
CA THR A 361 21.49 -0.48 -15.24
C THR A 361 21.19 0.97 -15.55
N VAL A 362 20.19 1.53 -14.90
CA VAL A 362 19.78 2.90 -15.16
C VAL A 362 20.67 3.92 -14.44
N ASN A 363 20.86 5.08 -15.07
CA ASN A 363 21.69 6.13 -14.46
CA ASN A 363 21.67 6.16 -14.55
C ASN A 363 20.80 7.25 -13.92
N TYR A 364 19.60 6.89 -13.49
CA TYR A 364 18.74 7.84 -12.78
C TYR A 364 18.14 7.08 -11.62
N GLN A 365 17.80 7.81 -10.57
CA GLN A 365 17.20 7.20 -9.40
C GLN A 365 15.79 6.70 -9.74
N THR A 366 15.38 5.58 -9.17
CA THR A 366 14.04 5.05 -9.35
C THR A 366 13.24 5.21 -8.05
N GLY A 367 12.61 4.14 -7.54
CA GLY A 367 11.71 4.27 -6.39
C GLY A 367 12.42 4.75 -5.15
N VAL A 368 11.74 5.63 -4.41
CA VAL A 368 12.29 6.19 -3.18
C VAL A 368 11.55 5.57 -1.96
N VAL A 369 12.04 5.88 -0.78
CA VAL A 369 11.47 5.39 0.44
C VAL A 369 10.09 6.04 0.69
N LEU A 370 9.10 5.22 0.97
CA LEU A 370 7.79 5.70 1.41
C LEU A 370 7.68 5.48 2.93
N TRP A 371 7.30 6.53 3.66
CA TRP A 371 7.19 6.48 5.11
C TRP A 371 6.09 7.46 5.55
N GLY A 372 5.78 7.48 6.84
CA GLY A 372 4.88 8.49 7.36
C GLY A 372 4.29 8.04 8.67
N GLY A 373 3.04 8.44 8.89
CA GLY A 373 2.40 8.15 10.11
C GLY A 373 1.09 8.87 10.26
N VAL A 374 0.21 8.33 11.11
CA VAL A 374 -1.11 8.88 11.32
C VAL A 374 -1.02 10.26 11.99
N GLY A 375 -1.88 11.16 11.52
CA GLY A 375 -2.11 12.45 12.12
C GLY A 375 -3.34 12.39 13.02
N THR A 376 -3.38 13.16 14.12
CA THR A 376 -2.43 14.21 14.45
C THR A 376 -1.16 13.74 15.14
N ASN A 377 -1.05 12.45 15.46
CA ASN A 377 0.07 11.97 16.24
C ASN A 377 1.42 12.38 15.69
N GLY A 378 1.60 12.29 14.38
CA GLY A 378 2.84 12.59 13.73
C GLY A 378 3.34 13.99 14.00
N GLN A 379 2.40 14.91 14.21
CA GLN A 379 2.72 16.29 14.58
C GLN A 379 3.59 16.38 15.82
N HIS A 380 3.45 15.38 16.69
CA HIS A 380 4.15 15.29 17.94
C HIS A 380 5.27 14.27 17.93
N ALA A 381 5.65 13.79 16.75
CA ALA A 381 6.72 12.83 16.61
C ALA A 381 7.77 13.31 15.63
N PHE A 382 7.41 13.53 14.36
CA PHE A 382 8.37 13.83 13.31
C PHE A 382 8.01 15.01 12.45
N HIS A 383 6.86 15.66 12.63
CA HIS A 383 6.66 16.85 11.81
C HIS A 383 7.67 17.94 12.10
N GLN A 384 8.26 17.96 13.31
CA GLN A 384 9.39 18.88 13.57
C GLN A 384 10.39 18.87 12.43
N LEU A 385 10.77 17.67 11.94
CA LEU A 385 11.73 17.55 10.84
C LEU A 385 11.13 18.02 9.55
N LEU A 386 9.85 17.75 9.30
CA LEU A 386 9.21 18.26 8.09
C LEU A 386 9.20 19.78 8.06
N HIS A 387 9.14 20.42 9.23
CA HIS A 387 9.05 21.88 9.32
C HIS A 387 10.42 22.61 9.38
N GLN A 388 11.36 22.04 10.10
CA GLN A 388 12.66 22.66 10.38
C GLN A 388 13.88 21.87 10.01
N GLY A 389 13.72 20.64 9.58
CA GLY A 389 14.84 19.91 9.03
C GLY A 389 15.30 20.49 7.72
N ASN A 390 16.38 19.94 7.19
CA ASN A 390 16.89 20.40 5.88
C ASN A 390 16.93 19.28 4.84
N ILE A 391 15.90 18.42 4.90
CA ILE A 391 15.69 17.34 3.95
C ILE A 391 14.46 17.72 3.13
N PHE A 392 14.57 17.65 1.80
CA PHE A 392 13.42 17.86 0.90
C PHE A 392 12.57 16.58 0.83
N ILE A 393 11.32 16.70 1.25
CA ILE A 393 10.40 15.56 1.40
C ILE A 393 9.01 15.97 0.91
N PRO A 394 8.56 15.43 -0.24
CA PRO A 394 7.18 15.63 -0.64
C PRO A 394 6.24 14.98 0.38
N VAL A 395 5.10 15.63 0.63
CA VAL A 395 4.13 15.18 1.62
C VAL A 395 2.74 15.04 1.01
N ASP A 396 2.12 13.89 1.29
CA ASP A 396 0.70 13.66 1.00
C ASP A 396 -0.04 13.61 2.33
N PHE A 397 -1.13 14.38 2.44
CA PHE A 397 -2.08 14.27 3.57
C PHE A 397 -3.32 13.55 3.06
N ILE A 398 -3.84 12.61 3.84
CA ILE A 398 -5.18 12.02 3.62
C ILE A 398 -6.09 12.53 4.73
N ALA A 399 -7.16 13.20 4.33
CA ALA A 399 -8.17 13.75 5.25
C ALA A 399 -9.50 13.07 4.95
N ILE A 400 -10.28 12.81 6.00
CA ILE A 400 -11.60 12.20 5.91
C ILE A 400 -12.64 13.19 6.49
N ALA A 401 -13.57 13.67 5.65
CA ALA A 401 -14.43 14.76 6.07
C ALA A 401 -15.31 14.40 7.28
N THR A 402 -15.89 13.20 7.28
CA THR A 402 -16.78 12.76 8.32
C THR A 402 -16.35 11.39 8.77
N SER A 403 -16.46 11.17 10.06
CA SER A 403 -16.05 9.94 10.68
C SER A 403 -17.28 9.11 11.02
N HIS A 404 -17.14 8.20 11.97
CA HIS A 404 -18.18 7.23 12.25
C HIS A 404 -18.91 7.50 13.57
N HIS A 405 -18.65 8.63 14.20
CA HIS A 405 -19.16 8.97 15.54
C HIS A 405 -19.66 10.39 15.53
N ASN A 406 -20.22 10.83 16.66
CA ASN A 406 -20.79 12.19 16.77
C ASN A 406 -20.00 13.14 17.67
N TYR A 407 -18.72 12.85 17.91
CA TYR A 407 -17.81 13.81 18.55
C TYR A 407 -17.33 14.84 17.53
N ASP A 408 -18.25 15.72 17.14
CA ASP A 408 -18.01 16.65 16.04
C ASP A 408 -16.86 17.62 16.34
N ASN A 409 -16.73 18.01 17.61
CA ASN A 409 -15.61 18.84 18.02
C ASN A 409 -14.24 18.18 17.79
N HIS A 410 -14.13 16.87 18.03
CA HIS A 410 -12.91 16.12 17.77
C HIS A 410 -12.62 16.05 16.27
N GLN A 411 -13.66 15.74 15.50
CA GLN A 411 -13.52 15.66 14.06
C GLN A 411 -13.10 17.01 13.45
N GLN A 412 -13.68 18.11 13.92
CA GLN A 412 -13.34 19.43 13.44
C GLN A 412 -11.88 19.78 13.78
N ALA A 413 -11.44 19.48 15.01
CA ALA A 413 -10.06 19.69 15.41
C ALA A 413 -9.09 18.83 14.56
N LEU A 414 -9.45 17.57 14.29
CA LEU A 414 -8.61 16.69 13.47
C LEU A 414 -8.37 17.31 12.09
N LEU A 415 -9.43 17.77 11.45
CA LEU A 415 -9.32 18.37 10.15
C LEU A 415 -8.59 19.71 10.21
N ALA A 416 -8.91 20.55 11.20
CA ALA A 416 -8.20 21.83 11.35
C ALA A 416 -6.69 21.63 11.42
N ASN A 417 -6.29 20.60 12.17
CA ASN A 417 -4.86 20.25 12.29
C ASN A 417 -4.29 19.78 10.95
N CYS A 418 -5.01 18.95 10.23
CA CYS A 418 -4.54 18.49 8.94
C CYS A 418 -4.27 19.67 8.03
N PHE A 419 -5.25 20.56 7.93
CA PHE A 419 -5.15 21.71 7.01
C PHE A 419 -4.10 22.74 7.49
N ALA A 420 -3.96 22.88 8.81
CA ALA A 420 -2.94 23.74 9.40
C ALA A 420 -1.53 23.26 9.12
N GLN A 421 -1.34 21.94 9.05
CA GLN A 421 -0.01 21.39 8.82
C GLN A 421 0.45 21.68 7.39
N SER A 422 -0.46 21.51 6.44
CA SER A 422 -0.14 21.83 5.04
C SER A 422 0.02 23.34 4.88
N GLN A 423 -0.81 24.12 5.54
CA GLN A 423 -0.66 25.57 5.49
C GLN A 423 0.71 25.98 6.07
N ALA A 424 1.11 25.36 7.18
CA ALA A 424 2.39 25.66 7.82
C ALA A 424 3.59 25.33 6.92
N LEU A 425 3.55 24.16 6.28
CA LEU A 425 4.55 23.79 5.31
C LEU A 425 4.69 24.86 4.22
N MSE A 426 3.57 25.38 3.75
CA MSE A 426 3.59 26.35 2.66
CA MSE A 426 3.55 26.35 2.66
C MSE A 426 4.13 27.69 3.11
O MSE A 426 4.96 28.31 2.44
CB MSE A 426 2.17 26.50 2.10
CB MSE A 426 2.10 26.53 2.17
CG MSE A 426 1.94 27.77 1.38
CG MSE A 426 1.86 27.57 1.13
SE MSE A 426 0.46 27.59 0.17
SE MSE A 426 -0.03 27.74 0.68
CE MSE A 426 -1.01 27.61 1.42
CE MSE A 426 0.07 29.58 0.04
N PHE A 427 3.67 28.15 4.26
CA PHE A 427 3.94 29.53 4.66
C PHE A 427 5.23 29.70 5.45
N GLY A 428 5.46 28.82 6.41
CA GLY A 428 6.51 29.06 7.38
C GLY A 428 6.30 30.31 8.18
N GLN A 429 7.36 30.75 8.86
CA GLN A 429 7.35 32.02 9.58
CA GLN A 429 7.35 32.01 9.60
C GLN A 429 8.76 32.58 9.59
N SER A 430 8.85 33.85 9.22
CA SER A 430 10.12 34.50 9.00
C SER A 430 10.70 35.06 10.30
N TYR A 431 11.97 35.40 10.21
CA TYR A 431 12.68 36.00 11.32
C TYR A 431 11.95 37.23 11.85
N ASP A 432 11.56 38.14 10.95
CA ASP A 432 10.91 39.38 11.41
CA ASP A 432 10.90 39.39 11.38
C ASP A 432 9.58 39.11 12.11
N MSE A 433 8.80 38.15 11.57
CA MSE A 433 7.52 37.76 12.16
CA MSE A 433 7.52 37.82 12.17
C MSE A 433 7.74 37.18 13.55
O MSE A 433 7.02 37.50 14.49
CB MSE A 433 6.83 36.69 11.30
CB MSE A 433 6.68 36.91 11.27
CG MSE A 433 6.37 37.18 9.94
CG MSE A 433 6.21 37.56 9.96
SE MSE A 433 5.55 35.70 8.96
SE MSE A 433 4.91 39.01 10.16
CE MSE A 433 6.80 35.18 7.55
CE MSE A 433 6.09 40.56 10.33
N VAL A 434 8.73 36.30 13.64
CA VAL A 434 9.05 35.65 14.91
C VAL A 434 9.57 36.63 15.96
N TYR A 435 10.51 37.48 15.52
CA TYR A 435 11.11 38.48 16.40
C TYR A 435 10.02 39.37 16.97
N ASN A 436 9.12 39.83 16.09
CA ASN A 436 8.04 40.74 16.55
C ASN A 436 7.09 40.03 17.51
N GLU A 437 6.78 38.75 17.22
CA GLU A 437 5.98 37.94 18.13
CA GLU A 437 6.02 37.88 18.12
C GLU A 437 6.66 37.80 19.50
N LEU A 438 7.99 37.63 19.53
CA LEU A 438 8.70 37.45 20.81
C LEU A 438 8.70 38.72 21.64
N LEU A 439 8.88 39.85 20.99
CA LEU A 439 8.72 41.13 21.66
C LEU A 439 7.30 41.28 22.23
N LYS A 440 6.27 40.96 21.42
CA LYS A 440 4.88 41.11 21.84
CA LYS A 440 4.90 41.13 21.85
C LYS A 440 4.57 40.16 23.00
N SER A 441 5.27 39.03 23.07
CA SER A 441 5.13 38.06 24.18
C SER A 441 5.84 38.50 25.45
N GLY A 442 6.64 39.55 25.37
CA GLY A 442 7.28 40.14 26.54
C GLY A 442 8.75 39.88 26.74
N LEU A 443 9.43 39.30 25.75
CA LEU A 443 10.89 39.16 25.83
C LEU A 443 11.53 40.50 25.53
N ASN A 444 12.64 40.76 26.18
CA ASN A 444 13.46 41.93 25.83
C ASN A 444 14.21 41.67 24.51
N GLU A 445 14.81 42.74 23.99
CA GLU A 445 15.46 42.67 22.67
CA GLU A 445 15.50 42.72 22.68
C GLU A 445 16.60 41.66 22.61
N THR A 446 17.43 41.59 23.66
CA THR A 446 18.54 40.62 23.67
C THR A 446 18.01 39.19 23.61
N GLN A 447 17.03 38.89 24.45
CA GLN A 447 16.41 37.58 24.45
C GLN A 447 15.73 37.25 23.11
N ALA A 448 14.95 38.20 22.58
CA ALA A 448 14.26 37.99 21.29
C ALA A 448 15.29 37.74 20.18
N LYS A 449 16.37 38.51 20.16
CA LYS A 449 17.41 38.35 19.14
CA LYS A 449 17.41 38.34 19.14
C LYS A 449 18.12 36.99 19.25
N GLU A 450 18.34 36.52 20.48
CA GLU A 450 19.00 35.24 20.72
CA GLU A 450 19.02 35.24 20.69
C GLU A 450 18.15 34.05 20.28
N LEU A 451 16.83 34.17 20.47
CA LEU A 451 15.93 33.04 20.20
C LEU A 451 15.37 32.96 18.77
N ALA A 452 15.15 34.12 18.15
CA ALA A 452 14.31 34.19 16.95
C ALA A 452 14.75 33.24 15.84
N ALA A 453 16.05 33.17 15.58
CA ALA A 453 16.56 32.33 14.50
C ALA A 453 16.14 30.89 14.69
N HIS A 454 16.05 30.47 15.96
CA HIS A 454 15.71 29.07 16.28
C HIS A 454 14.25 28.74 16.03
N LYS A 455 13.40 29.76 15.96
CA LYS A 455 11.98 29.61 15.71
C LYS A 455 11.60 29.83 14.24
N VAL A 456 12.52 30.30 13.42
CA VAL A 456 12.22 30.51 12.00
C VAL A 456 11.88 29.18 11.36
N ILE A 457 10.80 29.18 10.59
CA ILE A 457 10.37 27.99 9.84
C ILE A 457 10.40 28.36 8.38
N PRO A 458 11.27 27.70 7.60
CA PRO A 458 11.52 28.26 6.26
C PRO A 458 10.29 28.32 5.35
N GLY A 459 9.44 27.31 5.44
CA GLY A 459 8.24 27.30 4.58
C GLY A 459 8.61 27.04 3.13
N ASN A 460 7.64 27.27 2.25
CA ASN A 460 7.74 26.94 0.85
C ASN A 460 7.92 25.44 0.58
N ARG A 461 7.35 24.63 1.47
CA ARG A 461 7.48 23.19 1.38
C ARG A 461 6.17 22.61 0.84
N PRO A 462 6.28 21.68 -0.10
CA PRO A 462 5.12 21.18 -0.83
C PRO A 462 4.26 20.14 -0.07
N SER A 463 2.97 20.13 -0.41
CA SER A 463 2.08 19.06 -0.01
C SER A 463 0.95 18.91 -1.00
N THR A 464 0.34 17.74 -0.93
CA THR A 464 -0.91 17.39 -1.58
C THR A 464 -1.88 16.97 -0.49
N THR A 465 -3.14 17.39 -0.57
CA THR A 465 -4.18 16.91 0.36
C THR A 465 -5.23 16.17 -0.46
N ILE A 466 -5.45 14.91 -0.06
CA ILE A 466 -6.49 14.05 -0.65
C ILE A 466 -7.58 13.98 0.40
N LEU A 467 -8.76 14.55 0.08
CA LEU A 467 -9.88 14.60 1.00
C LEU A 467 -10.97 13.65 0.54
N LEU A 468 -11.33 12.70 1.40
CA LEU A 468 -12.45 11.78 1.15
C LEU A 468 -13.66 12.29 1.90
N ASP A 469 -14.86 12.07 1.36
CA ASP A 469 -16.06 12.43 2.11
C ASP A 469 -16.21 11.60 3.41
N GLU A 470 -15.85 10.33 3.33
CA GLU A 470 -15.94 9.38 4.43
C GLU A 470 -15.03 8.23 4.10
N LEU A 471 -14.74 7.41 5.10
CA LEU A 471 -13.89 6.22 4.89
C LEU A 471 -14.82 5.01 4.89
N SER A 472 -15.39 4.74 3.73
CA SER A 472 -16.30 3.65 3.53
C SER A 472 -15.56 2.56 2.76
N PRO A 473 -16.16 1.36 2.67
CA PRO A 473 -15.54 0.37 1.78
C PRO A 473 -15.25 0.94 0.36
N TYR A 474 -16.23 1.62 -0.22
CA TYR A 474 -16.09 2.17 -1.54
C TYR A 474 -15.00 3.23 -1.64
N SER A 475 -14.98 4.21 -0.73
CA SER A 475 -13.98 5.24 -0.81
CA SER A 475 -13.97 5.24 -0.83
C SER A 475 -12.57 4.71 -0.52
N LEU A 476 -12.45 3.73 0.36
CA LEU A 476 -11.16 3.09 0.63
C LEU A 476 -10.64 2.37 -0.61
N GLY A 477 -11.52 1.66 -1.30
CA GLY A 477 -11.15 0.96 -2.52
C GLY A 477 -10.64 1.94 -3.58
N ALA A 478 -11.33 3.07 -3.75
CA ALA A 478 -10.92 4.11 -4.66
C ALA A 478 -9.54 4.63 -4.26
N LEU A 479 -9.35 4.94 -2.99
CA LEU A 479 -8.09 5.50 -2.48
C LEU A 479 -6.90 4.57 -2.77
N ILE A 480 -7.05 3.29 -2.47
CA ILE A 480 -5.96 2.34 -2.71
C ILE A 480 -5.63 2.27 -4.21
N ALA A 481 -6.66 2.18 -5.05
CA ALA A 481 -6.47 2.14 -6.51
C ALA A 481 -5.74 3.36 -7.02
N LEU A 482 -6.03 4.54 -6.46
CA LEU A 482 -5.28 5.75 -6.90
C LEU A 482 -3.78 5.50 -6.78
N TYR A 483 -3.36 4.97 -5.63
CA TYR A 483 -1.95 4.72 -5.39
C TYR A 483 -1.40 3.57 -6.27
N GLU A 484 -2.20 2.53 -6.47
CA GLU A 484 -1.80 1.45 -7.38
C GLU A 484 -1.42 2.01 -8.78
N HIS A 485 -2.25 2.93 -9.27
CA HIS A 485 -2.03 3.50 -10.58
C HIS A 485 -0.89 4.52 -10.60
N LYS A 486 -0.72 5.28 -9.53
CA LYS A 486 0.45 6.17 -9.39
C LYS A 486 1.72 5.37 -9.56
N ILE A 487 1.80 4.26 -8.86
CA ILE A 487 2.98 3.39 -8.89
C ILE A 487 3.25 2.89 -10.29
N PHE A 488 2.20 2.46 -10.96
CA PHE A 488 2.25 1.98 -12.35
C PHE A 488 2.83 3.08 -13.28
N VAL A 489 2.28 4.28 -13.17
CA VAL A 489 2.70 5.38 -14.03
C VAL A 489 4.18 5.68 -13.77
N GLN A 490 4.57 5.70 -12.51
CA GLN A 490 5.98 5.94 -12.19
C GLN A 490 6.89 4.92 -12.82
N GLY A 491 6.55 3.64 -12.72
CA GLY A 491 7.39 2.61 -13.31
C GLY A 491 7.50 2.70 -14.82
N VAL A 492 6.41 3.07 -15.48
CA VAL A 492 6.39 3.24 -16.94
C VAL A 492 7.33 4.40 -17.30
N LEU A 493 7.18 5.53 -16.63
CA LEU A 493 8.05 6.67 -16.96
C LEU A 493 9.55 6.39 -16.73
N TRP A 494 9.87 5.58 -15.72
CA TRP A 494 11.24 5.12 -15.45
C TRP A 494 11.70 3.93 -16.29
N ASP A 495 10.80 3.38 -17.10
CA ASP A 495 11.10 2.24 -17.97
C ASP A 495 11.58 1.01 -17.20
N ILE A 496 10.96 0.77 -16.05
CA ILE A 496 11.26 -0.40 -15.21
C ILE A 496 10.08 -1.36 -15.19
N ASN A 497 10.30 -2.56 -14.66
CA ASN A 497 9.24 -3.52 -14.42
C ASN A 497 8.75 -3.42 -12.99
N SER A 498 7.59 -2.79 -12.80
CA SER A 498 6.99 -2.63 -11.50
C SER A 498 6.46 -3.92 -10.89
N TYR A 499 6.46 -5.05 -11.65
CA TYR A 499 5.63 -6.18 -11.27
C TYR A 499 6.39 -7.45 -10.90
N ASP A 500 7.73 -7.41 -10.98
CA ASP A 500 8.58 -8.50 -10.47
C ASP A 500 9.19 -8.11 -9.10
N GLN A 501 9.90 -9.04 -8.50
CA GLN A 501 10.57 -8.77 -7.23
C GLN A 501 11.70 -9.76 -7.02
N TRP A 502 12.69 -9.71 -7.88
CA TRP A 502 13.77 -10.67 -7.89
C TRP A 502 14.74 -10.47 -6.70
N GLY A 503 14.73 -9.27 -6.14
CA GLY A 503 15.68 -8.91 -5.11
C GLY A 503 15.57 -9.68 -3.83
N VAL A 504 14.43 -10.29 -3.58
CA VAL A 504 14.20 -11.05 -2.36
C VAL A 504 14.76 -12.47 -2.42
N GLU A 505 15.10 -12.96 -3.61
CA GLU A 505 15.52 -14.33 -3.75
C GLU A 505 16.79 -14.70 -2.98
N LEU A 506 17.77 -13.81 -3.00
CA LEU A 506 19.08 -14.12 -2.42
C LEU A 506 18.95 -14.39 -0.91
N GLY A 507 18.24 -13.54 -0.21
CA GLY A 507 18.03 -13.75 1.23
C GLY A 507 17.40 -15.07 1.59
N LYS A 508 16.49 -15.56 0.76
CA LYS A 508 15.84 -16.83 1.01
C LYS A 508 16.87 -17.94 0.92
N LYS A 509 17.67 -17.90 -0.13
CA LYS A 509 18.73 -18.89 -0.32
CA LYS A 509 18.72 -18.90 -0.31
C LYS A 509 19.75 -18.84 0.82
N LEU A 510 20.19 -17.64 1.18
CA LEU A 510 21.18 -17.53 2.25
C LEU A 510 20.60 -17.98 3.61
N GLY A 511 19.30 -17.80 3.80
CA GLY A 511 18.63 -18.22 5.04
C GLY A 511 18.66 -19.73 5.18
N LYS A 512 18.48 -20.44 4.06
CA LYS A 512 18.56 -21.91 4.13
C LYS A 512 19.98 -22.38 4.49
N ASN A 513 20.99 -21.74 3.91
CA ASN A 513 22.38 -22.10 4.17
C ASN A 513 22.72 -21.79 5.64
N ILE A 514 22.25 -20.66 6.15
CA ILE A 514 22.51 -20.29 7.54
C ILE A 514 21.83 -21.27 8.52
N LEU A 515 20.63 -21.73 8.18
CA LEU A 515 19.97 -22.71 9.03
C LEU A 515 20.81 -23.99 9.09
N LYS A 516 21.32 -24.42 7.95
CA LYS A 516 22.23 -25.57 7.92
C LYS A 516 23.48 -25.33 8.79
N ALA A 517 24.06 -24.14 8.71
CA ALA A 517 25.25 -23.79 9.46
C ALA A 517 24.95 -23.76 10.96
N MSE A 518 23.80 -23.22 11.34
CA MSE A 518 23.34 -23.21 12.74
C MSE A 518 23.14 -24.61 13.33
O MSE A 518 23.23 -24.78 14.54
CB MSE A 518 22.04 -22.42 12.86
CG MSE A 518 22.21 -20.94 12.66
SE MSE A 518 20.58 -19.91 12.70
CE MSE A 518 20.35 -19.70 14.65
N ASN A 519 22.81 -25.58 12.50
CA ASN A 519 22.59 -26.96 12.99
C ASN A 519 23.80 -27.85 12.95
N ASP A 520 24.85 -27.41 12.25
CA ASP A 520 26.02 -28.27 12.05
C ASP A 520 27.24 -27.42 11.68
N ASP A 521 28.04 -27.10 12.68
CA ASP A 521 29.25 -26.30 12.49
C ASP A 521 30.40 -27.01 11.76
N SER A 522 30.22 -28.30 11.46
CA SER A 522 31.15 -29.03 10.61
C SER A 522 30.69 -29.04 9.15
N SER A 523 29.65 -28.28 8.82
CA SER A 523 29.12 -28.29 7.47
C SER A 523 29.94 -27.38 6.55
N ASP A 524 29.85 -27.64 5.26
CA ASP A 524 30.43 -26.75 4.27
C ASP A 524 29.81 -25.37 4.41
N GLU A 525 28.49 -25.33 4.63
CA GLU A 525 27.78 -24.06 4.87
C GLU A 525 28.43 -23.20 5.96
N TYR A 526 28.73 -23.80 7.11
CA TYR A 526 29.35 -23.09 8.20
C TYR A 526 30.78 -22.58 7.85
N GLN A 527 31.57 -23.47 7.24
CA GLN A 527 32.95 -23.04 6.80
CA GLN A 527 32.92 -23.10 6.84
C GLN A 527 32.95 -21.96 5.79
N ASN A 528 31.94 -21.87 4.95
CA ASN A 528 31.88 -20.85 3.91
C ASN A 528 31.29 -19.49 4.33
N LEU A 529 30.73 -19.40 5.53
CA LEU A 529 30.21 -18.10 6.02
C LEU A 529 31.30 -17.03 6.10
N ASP A 530 30.92 -15.77 5.88
CA ASP A 530 31.73 -14.65 6.33
C ASP A 530 31.75 -14.67 7.87
N ASP A 531 32.75 -14.04 8.46
CA ASP A 531 32.93 -14.20 9.91
C ASP A 531 31.93 -13.41 10.74
N SER A 532 31.26 -12.41 10.16
CA SER A 532 30.25 -11.69 10.94
C SER A 532 29.07 -12.62 11.17
N THR A 533 28.60 -13.25 10.11
CA THR A 533 27.51 -14.21 10.21
C THR A 533 27.89 -15.34 11.16
N ARG A 534 29.11 -15.86 11.01
CA ARG A 534 29.57 -16.93 11.87
C ARG A 534 29.54 -16.55 13.33
N GLN A 535 30.04 -15.37 13.68
CA GLN A 535 30.09 -14.98 15.08
C GLN A 535 28.71 -14.65 15.65
N LEU A 536 27.78 -14.20 14.80
CA LEU A 536 26.40 -13.97 15.23
C LEU A 536 25.76 -15.29 15.60
N ILE A 537 25.98 -16.33 14.77
CA ILE A 537 25.48 -17.66 15.07
C ILE A 537 26.11 -18.18 16.38
N ALA A 538 27.42 -17.95 16.58
CA ALA A 538 28.09 -18.40 17.82
C ALA A 538 27.53 -17.69 19.06
N LYS A 539 27.22 -16.39 18.94
CA LYS A 539 26.68 -15.61 20.08
C LYS A 539 25.28 -16.09 20.47
N VAL A 540 24.49 -16.54 19.50
CA VAL A 540 23.18 -17.09 19.80
C VAL A 540 23.25 -18.43 20.52
N LYS A 541 24.18 -19.28 20.07
CA LYS A 541 24.42 -20.61 20.64
C LYS A 541 24.92 -20.60 22.07
N ASN A 542 25.59 -19.53 22.50
CA ASN A 542 26.22 -19.51 23.81
C ASN A 542 25.26 -18.98 24.87
N LYS A 543 24.61 -17.85 24.58
CA LYS A 543 23.63 -17.23 25.49
C LYS A 543 23.20 -18.14 26.66
O1 F6P B . 8.70 -13.10 -1.53
C1 F6P B . 7.77 -12.38 -2.36
C2 F6P B . 7.10 -11.50 -1.33
O2 F6P B . 8.12 -10.56 -0.84
C3 F6P B . 5.88 -10.68 -1.76
O3 F6P B . 5.88 -10.24 -3.13
C4 F6P B . 4.73 -11.65 -1.44
O4 F6P B . 3.50 -11.00 -1.35
C5 F6P B . 5.20 -12.31 -0.13
O5 F6P B . 6.63 -12.47 -0.35
C6 F6P B . 4.48 -13.60 0.24
O6 F6P B . 4.49 -14.55 -0.86
P F6P B . 3.37 -15.71 -0.89
O1P F6P B . 3.47 -16.56 0.36
O2P F6P B . 1.97 -15.10 -0.99
O3P F6P B . 3.67 -16.56 -2.13
C1 GOL C . -18.16 -27.76 7.25
C1 GOL C . -17.08 -28.55 7.01
O1 GOL C . -19.24 -28.25 8.05
O1 GOL C . -18.09 -28.09 7.89
C2 GOL C . -17.58 -28.84 6.33
C2 GOL C . -17.64 -28.73 5.61
O2 GOL C . -16.31 -28.48 5.80
O2 GOL C . -18.90 -29.31 5.71
C3 GOL C . -18.50 -29.04 5.15
C3 GOL C . -16.72 -29.63 4.78
O3 GOL C . -19.63 -28.22 5.33
O3 GOL C . -15.38 -29.34 5.09
C1 GOL D . 15.89 21.77 2.05
O1 GOL D . 16.21 22.99 2.71
C2 GOL D . 16.10 22.00 0.56
O2 GOL D . 14.96 22.65 0.10
C3 GOL D . 16.32 20.71 -0.22
O3 GOL D . 17.68 20.49 -0.52
NA NA E . 2.36 8.41 -25.88
P PO4 F . -15.64 15.67 -0.51
O1 PO4 F . -15.88 16.86 -1.41
O2 PO4 F . -16.72 14.66 -0.84
O3 PO4 F . -15.69 16.07 0.96
O4 PO4 F . -14.30 15.07 -0.79
P PO4 G . -7.49 8.03 -23.65
O1 PO4 G . -8.61 8.96 -24.05
O2 PO4 G . -7.83 6.62 -24.08
O3 PO4 G . -7.32 8.05 -22.15
O4 PO4 G . -6.17 8.41 -24.28
#